data_8HEW
#
_entry.id   8HEW
#
_cell.length_a   121.628
_cell.length_b   121.628
_cell.length_c   69.648
_cell.angle_alpha   90.00
_cell.angle_beta   90.00
_cell.angle_gamma   120.00
#
_symmetry.space_group_name_H-M   'P 32 2 1'
#
loop_
_entity.id
_entity.type
_entity.pdbx_description
1 polymer '14-3-3 protein'
2 polymer 'StFDL1 peptide'
#
loop_
_entity_poly.entity_id
_entity_poly.type
_entity_poly.pdbx_seq_one_letter_code
_entity_poly.pdbx_strand_id
1 'polypeptide(L)'
;MAREENVYMAKLAEQAERYEEMVQFMEKVSTSLGSEELTVEERNLLSVAYKNVIGARRASWRIISSIEQKEESRGNEEHV
KCIKEYRSKIESELSNICDGILKLLDSNLIPSASNGDSKVFYLKMKGDYHRYLAEFKTGAERKEAAESTLSAYKAAQDIA
NTELAPTHPIRLGLALNFSVFYYEILNSPDRACNLAKQAFDEAIAELDTLGEESYKDSTLIMQLLRDNLTLWT
;
A
2 'polypeptide(L)' RTS(TPO)APF B
#
# COMPACT_ATOMS: atom_id res chain seq x y z
N MET A 1 -3.75 -20.50 25.99
CA MET A 1 -3.34 -20.64 24.55
C MET A 1 -2.84 -19.29 24.02
N ALA A 2 -1.53 -19.18 23.73
CA ALA A 2 -0.94 -18.25 22.75
C ALA A 2 -0.77 -19.02 21.42
N ARG A 3 -1.69 -18.85 20.47
CA ARG A 3 -1.48 -19.04 19.01
C ARG A 3 -0.70 -17.81 18.50
N GLU A 4 0.63 -17.85 18.69
CA GLU A 4 1.75 -17.30 17.87
C GLU A 4 2.30 -18.48 17.03
N GLU A 5 1.58 -19.60 17.11
CA GLU A 5 1.58 -20.63 16.06
C GLU A 5 1.05 -19.98 14.78
N ASN A 6 -0.03 -19.19 14.84
CA ASN A 6 -0.58 -18.47 13.65
C ASN A 6 0.50 -17.55 13.06
N VAL A 7 1.30 -16.88 13.89
CA VAL A 7 2.44 -16.08 13.35
C VAL A 7 3.48 -16.97 12.63
N TYR A 8 3.79 -18.16 13.16
CA TYR A 8 4.85 -19.07 12.63
C TYR A 8 4.36 -19.58 11.26
N MET A 9 3.09 -19.97 11.18
CA MET A 9 2.42 -20.49 9.95
C MET A 9 2.44 -19.44 8.83
N ALA A 10 2.22 -18.19 9.17
CA ALA A 10 2.24 -17.06 8.21
C ALA A 10 3.64 -16.93 7.64
N LYS A 11 4.67 -17.00 8.48
CA LYS A 11 6.12 -17.00 8.11
C LYS A 11 6.47 -18.16 7.17
N LEU A 12 5.86 -19.34 7.33
CA LEU A 12 6.04 -20.52 6.44
C LEU A 12 5.28 -20.26 5.13
N ALA A 13 4.05 -19.78 5.26
CA ALA A 13 3.25 -19.36 4.10
C ALA A 13 4.12 -18.41 3.26
N GLU A 14 4.80 -17.49 3.95
CA GLU A 14 5.58 -16.47 3.24
C GLU A 14 6.70 -17.17 2.47
N GLN A 15 7.54 -17.92 3.19
CA GLN A 15 8.63 -18.76 2.60
C GLN A 15 8.07 -19.55 1.41
N ALA A 16 6.91 -20.22 1.57
CA ALA A 16 6.28 -21.02 0.50
C ALA A 16 5.71 -20.13 -0.63
N GLU A 17 5.65 -18.82 -0.45
CA GLU A 17 4.96 -17.90 -1.41
C GLU A 17 3.49 -18.30 -1.59
N ARG A 18 2.79 -18.70 -0.54
CA ARG A 18 1.33 -18.99 -0.58
C ARG A 18 0.69 -17.84 0.21
N TYR A 19 0.52 -16.70 -0.46
CA TYR A 19 0.23 -15.40 0.16
C TYR A 19 -1.25 -15.34 0.58
N GLU A 20 -2.19 -16.00 -0.12
CA GLU A 20 -3.61 -15.99 0.32
C GLU A 20 -3.65 -16.58 1.73
N GLU A 21 -2.86 -17.62 1.96
CA GLU A 21 -2.84 -18.38 3.22
C GLU A 21 -2.12 -17.54 4.29
N MET A 22 -1.01 -16.89 3.91
CA MET A 22 -0.34 -15.90 4.79
C MET A 22 -1.39 -14.88 5.28
N VAL A 23 -2.23 -14.38 4.38
CA VAL A 23 -3.34 -13.45 4.75
C VAL A 23 -4.22 -14.13 5.82
N GLN A 24 -4.83 -15.29 5.54
CA GLN A 24 -5.72 -15.98 6.50
C GLN A 24 -5.02 -16.07 7.86
N PHE A 25 -3.76 -16.55 7.87
CA PHE A 25 -3.03 -16.74 9.15
C PHE A 25 -3.01 -15.40 9.91
N MET A 26 -2.55 -14.31 9.28
CA MET A 26 -2.34 -13.00 9.94
C MET A 26 -3.70 -12.35 10.24
N GLU A 27 -4.75 -12.73 9.53
CA GLU A 27 -6.13 -12.25 9.79
C GLU A 27 -6.65 -12.89 11.10
N LYS A 28 -6.37 -14.18 11.31
CA LYS A 28 -6.74 -14.98 12.51
C LYS A 28 -6.05 -14.33 13.72
N VAL A 29 -4.78 -13.97 13.58
CA VAL A 29 -4.05 -13.26 14.68
C VAL A 29 -4.79 -11.97 15.02
N SER A 30 -5.11 -11.18 13.99
CA SER A 30 -5.77 -9.85 14.08
C SER A 30 -7.15 -9.94 14.76
N THR A 31 -8.02 -10.83 14.29
CA THR A 31 -9.40 -10.99 14.79
C THR A 31 -9.39 -11.74 16.13
N SER A 32 -8.22 -11.94 16.77
CA SER A 32 -8.08 -12.71 18.03
C SER A 32 -7.73 -11.77 19.20
N LEU A 33 -7.23 -10.57 18.93
CA LEU A 33 -6.97 -9.55 19.98
C LEU A 33 -8.26 -9.12 20.70
N GLY A 34 -8.14 -8.74 21.97
CA GLY A 34 -9.19 -8.04 22.76
C GLY A 34 -8.87 -6.57 22.81
N SER A 35 -8.03 -6.14 23.75
CA SER A 35 -7.53 -4.77 23.91
C SER A 35 -6.11 -4.61 23.32
N GLU A 36 -5.47 -5.71 22.93
CA GLU A 36 -4.05 -5.67 22.47
C GLU A 36 -3.98 -5.27 20.98
N GLU A 37 -2.80 -4.78 20.60
CA GLU A 37 -2.42 -4.36 19.23
C GLU A 37 -1.41 -5.36 18.61
N LEU A 38 -1.55 -5.67 17.33
CA LEU A 38 -0.49 -6.30 16.50
C LEU A 38 0.86 -5.73 16.92
N THR A 39 1.86 -6.57 17.16
CA THR A 39 3.28 -6.15 17.28
C THR A 39 3.75 -5.56 15.93
N VAL A 40 4.96 -5.02 15.86
CA VAL A 40 5.56 -4.56 14.59
C VAL A 40 5.73 -5.77 13.64
N GLU A 41 6.26 -6.88 14.16
CA GLU A 41 6.56 -8.08 13.35
C GLU A 41 5.27 -8.48 12.61
N GLU A 42 4.17 -8.50 13.36
CA GLU A 42 2.85 -9.06 12.96
C GLU A 42 2.19 -8.16 11.92
N ARG A 43 2.19 -6.86 12.15
CA ARG A 43 1.54 -5.89 11.24
C ARG A 43 2.31 -5.92 9.91
N ASN A 44 3.64 -5.99 9.96
CA ASN A 44 4.47 -6.07 8.74
C ASN A 44 4.06 -7.33 7.97
N LEU A 45 3.97 -8.46 8.64
CA LEU A 45 3.59 -9.73 7.95
C LEU A 45 2.23 -9.54 7.30
N LEU A 46 1.22 -9.07 8.06
CA LEU A 46 -0.15 -8.79 7.53
C LEU A 46 -0.05 -7.94 6.27
N SER A 47 0.76 -6.91 6.30
CA SER A 47 0.83 -5.92 5.20
C SER A 47 1.51 -6.58 4.00
N VAL A 48 2.58 -7.32 4.25
CA VAL A 48 3.31 -8.08 3.20
C VAL A 48 2.36 -9.11 2.59
N ALA A 49 1.59 -9.82 3.43
CA ALA A 49 0.58 -10.78 2.96
C ALA A 49 -0.34 -10.11 1.94
N TYR A 50 -1.07 -9.09 2.35
CA TYR A 50 -1.98 -8.31 1.47
C TYR A 50 -1.22 -7.68 0.30
N LYS A 51 -0.01 -7.08 0.43
CA LYS A 51 0.67 -6.46 -0.76
C LYS A 51 0.86 -7.53 -1.85
N ASN A 52 1.24 -8.75 -1.47
CA ASN A 52 1.49 -9.90 -2.41
C ASN A 52 0.18 -10.43 -3.02
N VAL A 53 -0.89 -10.55 -2.23
CA VAL A 53 -2.18 -11.04 -2.77
C VAL A 53 -2.67 -9.99 -3.77
N ILE A 54 -2.81 -8.72 -3.36
CA ILE A 54 -3.25 -7.64 -4.30
C ILE A 54 -2.24 -7.51 -5.48
N GLY A 55 -0.95 -7.70 -5.24
CA GLY A 55 0.09 -7.43 -6.27
C GLY A 55 -0.05 -8.36 -7.45
N ALA A 56 -0.47 -9.59 -7.23
CA ALA A 56 -0.60 -10.54 -8.34
C ALA A 56 -1.77 -10.07 -9.20
N ARG A 57 -2.87 -9.68 -8.57
CA ARG A 57 -4.03 -9.15 -9.35
C ARG A 57 -3.66 -7.87 -10.08
N ARG A 58 -2.91 -6.96 -9.46
CA ARG A 58 -2.61 -5.65 -10.09
C ARG A 58 -1.74 -5.93 -11.29
N ALA A 59 -0.75 -6.81 -11.13
CA ALA A 59 0.17 -7.23 -12.23
C ALA A 59 -0.68 -7.82 -13.34
N SER A 60 -1.64 -8.69 -13.04
CA SER A 60 -2.50 -9.34 -14.07
C SER A 60 -3.36 -8.26 -14.75
N TRP A 61 -3.96 -7.38 -13.97
CA TRP A 61 -4.81 -6.29 -14.51
C TRP A 61 -4.01 -5.47 -15.52
N ARG A 62 -2.79 -5.07 -15.18
CA ARG A 62 -1.96 -4.26 -16.08
C ARG A 62 -1.75 -4.97 -17.43
N ILE A 63 -1.42 -6.27 -17.44
CA ILE A 63 -1.10 -7.02 -18.69
C ILE A 63 -2.40 -7.19 -19.48
N ILE A 64 -3.51 -7.47 -18.83
CA ILE A 64 -4.83 -7.64 -19.53
C ILE A 64 -5.30 -6.29 -20.12
N SER A 65 -5.05 -5.15 -19.45
CA SER A 65 -5.38 -3.79 -19.95
C SER A 65 -4.54 -3.47 -21.19
N SER A 66 -3.22 -3.67 -21.16
CA SER A 66 -2.35 -3.54 -22.35
C SER A 66 -2.90 -4.34 -23.53
N ILE A 67 -3.30 -5.58 -23.30
CA ILE A 67 -3.68 -6.50 -24.40
C ILE A 67 -5.01 -5.96 -24.92
N GLU A 68 -5.91 -5.58 -24.02
CA GLU A 68 -7.17 -4.87 -24.37
C GLU A 68 -6.92 -3.68 -25.30
N GLN A 69 -5.97 -2.81 -24.97
CA GLN A 69 -5.69 -1.59 -25.77
C GLN A 69 -5.20 -2.04 -27.15
N LYS A 70 -4.21 -2.93 -27.19
CA LYS A 70 -3.54 -3.41 -28.42
C LYS A 70 -4.60 -4.00 -29.36
N GLU A 71 -5.64 -4.61 -28.81
CA GLU A 71 -6.66 -5.36 -29.59
C GLU A 71 -7.77 -4.42 -30.05
N GLU A 72 -8.24 -3.50 -29.19
CA GLU A 72 -9.27 -2.47 -29.56
C GLU A 72 -8.75 -1.67 -30.75
N SER A 73 -7.44 -1.43 -30.80
CA SER A 73 -6.73 -0.60 -31.81
C SER A 73 -6.48 -1.38 -33.13
N ARG A 74 -6.71 -2.69 -33.16
CA ARG A 74 -6.65 -3.50 -34.41
C ARG A 74 -8.07 -3.88 -34.84
N GLY A 75 -9.09 -3.40 -34.13
CA GLY A 75 -10.51 -3.64 -34.48
C GLY A 75 -10.93 -5.08 -34.25
N ASN A 76 -10.05 -5.93 -33.69
CA ASN A 76 -10.39 -7.31 -33.27
C ASN A 76 -11.46 -7.24 -32.18
N GLU A 77 -12.72 -7.04 -32.56
CA GLU A 77 -13.84 -6.80 -31.62
C GLU A 77 -14.07 -8.05 -30.77
N GLU A 78 -13.77 -9.24 -31.31
CA GLU A 78 -14.17 -10.53 -30.67
C GLU A 78 -13.23 -10.82 -29.48
N HIS A 79 -11.92 -10.69 -29.71
CA HIS A 79 -10.85 -10.60 -28.68
C HIS A 79 -11.28 -9.64 -27.57
N VAL A 80 -11.63 -8.41 -27.93
CA VAL A 80 -11.96 -7.33 -26.94
C VAL A 80 -13.16 -7.77 -26.09
N LYS A 81 -14.15 -8.46 -26.65
CA LYS A 81 -15.32 -8.88 -25.84
C LYS A 81 -14.80 -9.81 -24.73
N CYS A 82 -13.79 -10.64 -25.05
CA CYS A 82 -13.21 -11.71 -24.18
C CYS A 82 -12.30 -11.09 -23.11
N ILE A 83 -11.32 -10.31 -23.56
CA ILE A 83 -10.36 -9.56 -22.71
C ILE A 83 -11.10 -8.76 -21.65
N LYS A 84 -12.21 -8.12 -22.03
CA LYS A 84 -13.01 -7.24 -21.13
C LYS A 84 -13.69 -8.11 -20.09
N GLU A 85 -14.15 -9.30 -20.46
CA GLU A 85 -14.84 -10.19 -19.50
C GLU A 85 -13.78 -10.68 -18.50
N TYR A 86 -12.57 -10.94 -18.99
CA TYR A 86 -11.43 -11.35 -18.15
C TYR A 86 -11.08 -10.21 -17.19
N ARG A 87 -11.00 -8.99 -17.70
CA ARG A 87 -10.60 -7.81 -16.90
C ARG A 87 -11.61 -7.67 -15.76
N SER A 88 -12.89 -7.93 -16.01
CA SER A 88 -13.88 -7.70 -14.93
C SER A 88 -13.75 -8.80 -13.86
N LYS A 89 -13.33 -10.02 -14.22
CA LYS A 89 -13.14 -11.09 -13.19
C LYS A 89 -11.97 -10.66 -12.29
N ILE A 90 -10.88 -10.16 -12.86
CA ILE A 90 -9.75 -9.61 -12.07
C ILE A 90 -10.26 -8.45 -11.19
N GLU A 91 -11.14 -7.60 -11.72
CA GLU A 91 -11.65 -6.42 -10.97
C GLU A 91 -12.50 -6.87 -9.77
N SER A 92 -13.30 -7.94 -9.86
CA SER A 92 -13.98 -8.51 -8.69
C SER A 92 -12.94 -8.91 -7.64
N GLU A 93 -11.84 -9.56 -8.05
CA GLU A 93 -10.89 -10.07 -7.02
C GLU A 93 -10.24 -8.86 -6.36
N LEU A 94 -9.74 -7.90 -7.16
CA LEU A 94 -9.16 -6.62 -6.69
C LEU A 94 -10.10 -5.99 -5.65
N SER A 95 -11.35 -5.93 -6.04
CA SER A 95 -12.43 -5.24 -5.31
C SER A 95 -12.66 -5.95 -3.97
N ASN A 96 -12.72 -7.28 -3.97
CA ASN A 96 -12.86 -8.12 -2.73
C ASN A 96 -11.59 -8.08 -1.89
N ILE A 97 -10.42 -8.07 -2.49
CA ILE A 97 -9.19 -8.09 -1.65
C ILE A 97 -9.17 -6.77 -0.88
N CYS A 98 -9.39 -5.65 -1.56
CA CYS A 98 -9.36 -4.29 -0.98
C CYS A 98 -10.41 -4.22 0.14
N ASP A 99 -11.62 -4.76 -0.08
CA ASP A 99 -12.73 -4.69 0.90
C ASP A 99 -12.33 -5.42 2.19
N GLY A 100 -11.68 -6.57 2.07
CA GLY A 100 -11.28 -7.42 3.21
C GLY A 100 -10.38 -6.66 4.15
N ILE A 101 -9.34 -6.02 3.61
CA ILE A 101 -8.29 -5.33 4.41
C ILE A 101 -8.84 -3.96 4.82
N LEU A 102 -9.79 -3.41 4.06
CA LEU A 102 -10.40 -2.10 4.44
C LEU A 102 -11.36 -2.32 5.62
N LYS A 103 -12.23 -3.31 5.53
CA LYS A 103 -13.11 -3.72 6.66
C LYS A 103 -12.23 -3.89 7.91
N LEU A 104 -11.07 -4.55 7.80
CA LEU A 104 -10.27 -4.90 8.99
C LEU A 104 -9.55 -3.65 9.52
N LEU A 105 -9.18 -2.72 8.64
CA LEU A 105 -8.63 -1.41 9.10
C LEU A 105 -9.74 -0.53 9.72
N ASP A 106 -10.92 -0.42 9.11
CA ASP A 106 -12.02 0.46 9.60
C ASP A 106 -12.53 -0.10 10.93
N SER A 107 -12.90 -1.39 10.95
CA SER A 107 -13.49 -2.19 12.07
C SER A 107 -12.56 -2.39 13.25
N ASN A 108 -11.24 -2.20 13.17
CA ASN A 108 -10.34 -2.92 14.11
C ASN A 108 -8.94 -2.29 14.23
N LEU A 109 -8.16 -2.20 13.15
CA LEU A 109 -6.72 -1.84 13.30
C LEU A 109 -6.58 -0.35 13.58
N ILE A 110 -7.48 0.49 13.03
CA ILE A 110 -7.41 1.98 13.14
C ILE A 110 -8.03 2.42 14.47
N PRO A 111 -9.31 2.09 14.79
CA PRO A 111 -9.91 2.58 16.02
C PRO A 111 -9.06 2.20 17.25
N SER A 112 -8.36 1.05 17.20
CA SER A 112 -7.68 0.45 18.37
C SER A 112 -6.19 0.77 18.35
N ALA A 113 -5.68 1.54 17.39
CA ALA A 113 -4.25 1.93 17.43
C ALA A 113 -4.01 2.99 18.56
N SER A 114 -2.80 3.02 19.14
CA SER A 114 -2.41 3.76 20.38
C SER A 114 -1.26 4.71 20.07
N ASN A 115 -0.07 4.16 19.79
CA ASN A 115 1.15 4.94 19.46
C ASN A 115 0.92 5.75 18.15
N GLY A 116 1.88 6.60 17.80
CA GLY A 116 1.79 7.40 16.57
C GLY A 116 2.08 6.51 15.38
N ASP A 117 3.29 5.93 15.43
CA ASP A 117 3.80 4.97 14.43
C ASP A 117 2.63 4.06 14.00
N SER A 118 1.87 3.50 14.94
CA SER A 118 0.80 2.54 14.60
C SER A 118 -0.20 3.29 13.71
N LYS A 119 -0.78 4.36 14.26
CA LYS A 119 -1.84 5.18 13.62
C LYS A 119 -1.40 5.50 12.18
N VAL A 120 -0.23 6.09 12.03
CA VAL A 120 0.26 6.44 10.66
C VAL A 120 0.24 5.17 9.81
N PHE A 121 0.89 4.09 10.27
CA PHE A 121 1.00 2.80 9.55
C PHE A 121 -0.36 2.42 8.98
N TYR A 122 -1.37 2.29 9.82
CA TYR A 122 -2.71 1.80 9.42
C TYR A 122 -3.47 2.82 8.53
N LEU A 123 -3.38 4.13 8.81
CA LEU A 123 -4.01 5.20 8.02
C LEU A 123 -3.37 5.21 6.63
N LYS A 124 -2.05 5.05 6.59
CA LYS A 124 -1.24 4.85 5.37
C LYS A 124 -1.80 3.66 4.58
N MET A 125 -2.06 2.58 5.30
CA MET A 125 -2.44 1.29 4.68
C MET A 125 -3.84 1.49 4.10
N LYS A 126 -4.72 2.24 4.77
CA LYS A 126 -6.10 2.53 4.25
C LYS A 126 -6.00 3.31 2.94
N GLY A 127 -5.12 4.29 2.92
CA GLY A 127 -4.82 5.09 1.73
C GLY A 127 -4.38 4.21 0.59
N ASP A 128 -3.38 3.37 0.87
CA ASP A 128 -2.87 2.32 -0.06
C ASP A 128 -4.06 1.58 -0.72
N TYR A 129 -5.02 1.05 0.04
CA TYR A 129 -6.02 0.13 -0.57
C TYR A 129 -7.10 0.93 -1.32
N HIS A 130 -7.43 2.17 -0.89
CA HIS A 130 -8.32 3.08 -1.65
C HIS A 130 -7.62 3.48 -2.98
N ARG A 131 -6.32 3.72 -2.92
CA ARG A 131 -5.51 3.98 -4.13
C ARG A 131 -5.65 2.81 -5.13
N TYR A 132 -5.53 1.56 -4.66
CA TYR A 132 -5.59 0.39 -5.60
C TYR A 132 -7.01 0.35 -6.18
N LEU A 133 -8.05 0.66 -5.40
CA LEU A 133 -9.43 0.76 -5.98
C LEU A 133 -9.40 1.75 -7.16
N ALA A 134 -8.73 2.87 -6.97
CA ALA A 134 -8.76 4.04 -7.89
C ALA A 134 -7.94 3.73 -9.14
N GLU A 135 -7.03 2.77 -9.08
CA GLU A 135 -6.22 2.39 -10.29
C GLU A 135 -7.14 1.85 -11.40
N PHE A 136 -8.28 1.21 -11.08
CA PHE A 136 -9.16 0.50 -12.06
C PHE A 136 -10.64 0.89 -11.93
N LYS A 137 -11.14 1.35 -10.78
CA LYS A 137 -12.57 1.80 -10.66
C LYS A 137 -12.81 2.95 -11.64
N THR A 138 -14.08 3.29 -11.87
CA THR A 138 -14.49 4.01 -13.10
C THR A 138 -15.02 5.41 -12.78
N GLY A 139 -16.09 5.55 -12.00
CA GLY A 139 -16.90 6.81 -12.11
C GLY A 139 -17.02 7.50 -10.78
N ALA A 140 -18.19 7.37 -10.16
CA ALA A 140 -18.44 7.69 -8.73
C ALA A 140 -17.50 6.87 -7.82
N GLU A 141 -17.32 5.57 -8.11
CA GLU A 141 -16.49 4.66 -7.28
C GLU A 141 -15.04 5.14 -7.30
N ARG A 142 -14.54 5.60 -8.45
CA ARG A 142 -13.16 6.16 -8.58
C ARG A 142 -13.06 7.48 -7.81
N LYS A 143 -14.03 8.39 -7.99
CA LYS A 143 -14.05 9.67 -7.25
C LYS A 143 -14.03 9.37 -5.73
N GLU A 144 -14.85 8.44 -5.26
CA GLU A 144 -14.92 8.05 -3.83
C GLU A 144 -13.59 7.40 -3.36
N ALA A 145 -12.94 6.62 -4.24
CA ALA A 145 -11.64 5.98 -3.94
C ALA A 145 -10.59 7.09 -3.74
N ALA A 146 -10.61 8.08 -4.63
CA ALA A 146 -9.59 9.15 -4.71
C ALA A 146 -9.75 10.04 -3.48
N GLU A 147 -10.99 10.31 -3.07
CA GLU A 147 -11.29 11.18 -1.89
C GLU A 147 -10.85 10.46 -0.61
N SER A 148 -11.23 9.20 -0.48
CA SER A 148 -10.82 8.37 0.67
C SER A 148 -9.28 8.28 0.77
N THR A 149 -8.57 8.23 -0.37
CA THR A 149 -7.07 8.11 -0.34
C THR A 149 -6.53 9.43 0.20
N LEU A 150 -6.99 10.57 -0.32
CA LEU A 150 -6.54 11.93 0.12
C LEU A 150 -6.83 12.10 1.62
N SER A 151 -8.03 11.81 2.12
CA SER A 151 -8.30 11.94 3.59
C SER A 151 -7.34 11.09 4.42
N ALA A 152 -7.07 9.86 4.01
CA ALA A 152 -6.35 8.91 4.89
C ALA A 152 -4.87 9.29 4.89
N TYR A 153 -4.34 9.61 3.71
CA TYR A 153 -2.92 10.01 3.59
C TYR A 153 -2.73 11.28 4.42
N LYS A 154 -3.65 12.26 4.28
CA LYS A 154 -3.58 13.54 5.05
C LYS A 154 -3.71 13.27 6.56
N ALA A 155 -4.70 12.50 7.02
CA ALA A 155 -4.79 12.16 8.46
C ALA A 155 -3.46 11.52 8.92
N ALA A 156 -2.81 10.73 8.06
CA ALA A 156 -1.57 10.00 8.40
C ALA A 156 -0.47 11.03 8.49
N GLN A 157 -0.39 11.93 7.52
CA GLN A 157 0.64 13.01 7.52
C GLN A 157 0.54 13.94 8.76
N ASP A 158 -0.65 14.34 9.21
CA ASP A 158 -0.74 15.25 10.39
C ASP A 158 -0.06 14.54 11.56
N ILE A 159 -0.45 13.27 11.80
CA ILE A 159 0.11 12.44 12.91
C ILE A 159 1.61 12.20 12.66
N ALA A 160 2.01 11.87 11.43
CA ALA A 160 3.44 11.57 11.13
C ALA A 160 4.29 12.78 11.51
N ASN A 161 3.88 14.00 11.14
CA ASN A 161 4.78 15.18 11.08
C ASN A 161 4.95 15.77 12.48
N THR A 162 3.94 15.68 13.35
CA THR A 162 4.09 15.72 14.83
C THR A 162 4.98 14.56 15.28
N GLU A 163 4.42 13.35 15.38
CA GLU A 163 4.80 12.31 16.37
C GLU A 163 5.94 11.39 15.89
N LEU A 164 6.63 11.67 14.76
CA LEU A 164 7.70 10.79 14.15
C LEU A 164 8.76 11.62 13.46
N ALA A 165 9.99 11.18 13.51
CA ALA A 165 11.17 11.82 12.88
C ALA A 165 11.04 11.76 11.36
N PRO A 166 11.69 12.67 10.61
CA PRO A 166 11.78 12.58 9.15
C PRO A 166 12.52 11.36 8.57
N THR A 167 13.04 10.48 9.41
CA THR A 167 13.89 9.34 8.94
C THR A 167 13.13 8.02 9.17
N HIS A 168 12.02 8.10 9.90
CA HIS A 168 11.24 6.92 10.33
C HIS A 168 10.65 6.28 9.08
N PRO A 169 11.06 5.04 8.73
CA PRO A 169 10.68 4.46 7.45
C PRO A 169 9.16 4.60 7.20
N ILE A 170 8.33 4.56 8.25
CA ILE A 170 6.86 4.71 8.10
C ILE A 170 6.50 6.11 7.60
N ARG A 171 7.20 7.15 8.08
CA ARG A 171 6.98 8.53 7.60
C ARG A 171 7.46 8.57 6.15
N LEU A 172 8.63 8.04 5.83
CA LEU A 172 9.12 8.07 4.43
C LEU A 172 8.12 7.31 3.56
N GLY A 173 7.60 6.19 4.05
CA GLY A 173 6.82 5.28 3.20
C GLY A 173 5.54 5.95 2.78
N LEU A 174 4.90 6.62 3.74
CA LEU A 174 3.73 7.51 3.54
C LEU A 174 4.07 8.53 2.47
N ALA A 175 5.11 9.32 2.66
CA ALA A 175 5.50 10.33 1.65
C ALA A 175 5.61 9.68 0.27
N LEU A 176 6.20 8.49 0.20
CA LEU A 176 6.48 7.83 -1.10
C LEU A 176 5.13 7.47 -1.73
N ASN A 177 4.21 6.90 -0.95
CA ASN A 177 2.92 6.45 -1.52
C ASN A 177 2.06 7.68 -1.88
N PHE A 178 2.01 8.66 -1.00
CA PHE A 178 1.27 9.93 -1.18
C PHE A 178 1.82 10.63 -2.42
N SER A 179 3.13 10.68 -2.60
CA SER A 179 3.73 11.29 -3.81
C SER A 179 3.18 10.56 -5.03
N VAL A 180 3.06 9.23 -4.94
CA VAL A 180 2.67 8.42 -6.11
C VAL A 180 1.19 8.66 -6.37
N PHE A 181 0.41 8.84 -5.32
CA PHE A 181 -1.05 9.05 -5.46
C PHE A 181 -1.23 10.30 -6.33
N TYR A 182 -0.57 11.40 -5.92
CA TYR A 182 -0.55 12.69 -6.64
C TYR A 182 -0.16 12.48 -8.10
N TYR A 183 0.91 11.76 -8.44
CA TYR A 183 1.33 11.52 -9.84
C TYR A 183 0.39 10.56 -10.59
N GLU A 184 0.07 9.36 -10.08
CA GLU A 184 -0.64 8.33 -10.90
C GLU A 184 -2.14 8.66 -10.91
N ILE A 185 -2.70 9.10 -9.80
CA ILE A 185 -4.18 9.04 -9.67
C ILE A 185 -4.76 10.43 -9.85
N LEU A 186 -4.17 11.43 -9.21
CA LEU A 186 -4.59 12.84 -9.37
C LEU A 186 -3.91 13.49 -10.57
N ASN A 187 -2.88 12.89 -11.15
CA ASN A 187 -2.21 13.50 -12.32
C ASN A 187 -1.58 14.88 -12.01
N SER A 188 -1.08 15.13 -10.78
CA SER A 188 -0.28 16.30 -10.37
C SER A 188 1.20 15.95 -10.35
N PRO A 189 1.93 15.96 -11.46
CA PRO A 189 3.40 15.81 -11.38
C PRO A 189 4.11 16.80 -10.43
N ASP A 190 3.65 18.03 -10.32
CA ASP A 190 4.33 19.03 -9.46
C ASP A 190 4.13 18.56 -8.02
N ARG A 191 2.89 18.40 -7.56
CA ARG A 191 2.62 18.01 -6.15
C ARG A 191 3.48 16.79 -5.77
N ALA A 192 3.59 15.81 -6.67
CA ALA A 192 4.30 14.54 -6.47
C ALA A 192 5.81 14.78 -6.27
N CYS A 193 6.46 15.38 -7.26
CA CYS A 193 7.87 15.85 -7.18
C CYS A 193 8.06 16.63 -5.88
N ASN A 194 7.26 17.65 -5.60
CA ASN A 194 7.56 18.53 -4.43
C ASN A 194 7.51 17.67 -3.16
N LEU A 195 6.52 16.79 -3.04
CA LEU A 195 6.29 15.97 -1.82
C LEU A 195 7.45 14.99 -1.61
N ALA A 196 7.98 14.41 -2.68
CA ALA A 196 9.06 13.41 -2.59
C ALA A 196 10.35 14.12 -2.18
N LYS A 197 10.74 15.17 -2.91
CA LYS A 197 11.93 16.02 -2.62
C LYS A 197 11.87 16.51 -1.17
N GLN A 198 10.76 17.08 -0.78
CA GLN A 198 10.63 17.62 0.60
C GLN A 198 10.96 16.52 1.62
N ALA A 199 10.41 15.32 1.50
CA ALA A 199 10.56 14.27 2.54
C ALA A 199 11.99 13.68 2.42
N PHE A 200 12.59 13.67 1.22
CA PHE A 200 14.00 13.23 1.03
C PHE A 200 14.94 14.22 1.74
N ASP A 201 15.01 15.46 1.25
CA ASP A 201 15.86 16.56 1.80
C ASP A 201 15.70 16.64 3.33
N GLU A 202 14.46 16.52 3.82
CA GLU A 202 14.09 16.65 5.26
C GLU A 202 14.65 15.46 6.06
N ALA A 203 14.96 14.35 5.36
CA ALA A 203 15.47 13.08 5.92
C ALA A 203 16.99 13.04 5.85
N ILE A 204 17.59 13.51 4.74
CA ILE A 204 19.06 13.74 4.66
C ILE A 204 19.44 14.69 5.81
N ALA A 205 18.75 15.83 5.94
CA ALA A 205 19.01 16.91 6.92
C ALA A 205 19.35 16.34 8.31
N GLU A 206 18.69 15.26 8.73
CA GLU A 206 18.76 14.70 10.10
C GLU A 206 19.19 13.21 10.02
N LEU A 207 20.10 12.85 9.10
CA LEU A 207 20.32 11.44 8.63
C LEU A 207 21.33 10.71 9.51
N ASP A 208 22.62 11.06 9.39
CA ASP A 208 23.74 10.45 10.13
C ASP A 208 23.63 10.81 11.63
N THR A 209 22.54 10.42 12.31
CA THR A 209 22.35 10.52 13.80
C THR A 209 21.49 9.35 14.31
N LEU A 210 21.60 8.18 13.68
CA LEU A 210 20.73 6.98 13.94
C LEU A 210 21.61 5.72 13.88
N GLY A 211 21.28 4.68 14.66
CA GLY A 211 22.01 3.38 14.75
C GLY A 211 22.12 2.68 13.40
N GLU A 212 23.27 2.05 13.11
CA GLU A 212 23.67 1.51 11.77
C GLU A 212 22.51 0.74 11.10
N GLU A 213 21.62 0.06 11.85
CA GLU A 213 20.48 -0.74 11.30
C GLU A 213 19.29 0.18 10.94
N SER A 214 19.11 1.35 11.59
CA SER A 214 18.13 2.41 11.21
C SER A 214 18.42 2.91 9.78
N TYR A 215 19.63 3.41 9.57
CA TYR A 215 20.20 3.81 8.26
C TYR A 215 19.80 2.82 7.15
N LYS A 216 20.05 1.51 7.33
CA LYS A 216 19.61 0.45 6.37
C LYS A 216 18.11 0.67 6.11
N ASP A 217 17.29 0.54 7.15
CA ASP A 217 15.80 0.62 7.12
C ASP A 217 15.33 1.75 6.20
N SER A 218 15.82 2.98 6.40
CA SER A 218 15.25 4.18 5.75
C SER A 218 16.07 4.61 4.52
N THR A 219 17.35 4.28 4.40
CA THR A 219 18.07 4.45 3.12
C THR A 219 17.28 3.73 2.02
N LEU A 220 16.74 2.56 2.36
CA LEU A 220 15.92 1.70 1.46
C LEU A 220 14.81 2.57 0.84
N ILE A 221 13.94 3.17 1.66
CA ILE A 221 12.77 3.99 1.22
C ILE A 221 13.32 5.23 0.50
N MET A 222 14.26 5.92 1.13
CA MET A 222 14.84 7.14 0.53
C MET A 222 15.36 6.82 -0.88
N GLN A 223 15.86 5.61 -1.13
CA GLN A 223 16.33 5.27 -2.51
C GLN A 223 15.09 5.19 -3.41
N LEU A 224 13.94 4.83 -2.85
CA LEU A 224 12.68 4.64 -3.61
C LEU A 224 12.19 6.06 -4.05
N LEU A 225 12.15 7.03 -3.12
CA LEU A 225 11.89 8.46 -3.44
C LEU A 225 12.82 8.96 -4.57
N ARG A 226 14.13 8.73 -4.46
CA ARG A 226 15.16 9.18 -5.45
C ARG A 226 14.88 8.49 -6.78
N ASP A 227 14.55 7.19 -6.77
CA ASP A 227 14.23 6.42 -8.02
C ASP A 227 13.08 7.08 -8.79
N ASN A 228 12.04 7.54 -8.07
CA ASN A 228 10.80 8.12 -8.64
C ASN A 228 11.12 9.53 -9.14
N LEU A 229 11.82 10.31 -8.30
CA LEU A 229 12.32 11.68 -8.63
C LEU A 229 13.08 11.64 -9.95
N THR A 230 14.03 10.71 -10.12
CA THR A 230 14.77 10.50 -11.39
C THR A 230 13.76 10.22 -12.52
N LEU A 231 12.94 9.18 -12.37
CA LEU A 231 11.99 8.74 -13.42
C LEU A 231 11.15 9.93 -13.89
N TRP A 232 10.61 10.72 -12.96
CA TRP A 232 9.66 11.82 -13.28
C TRP A 232 10.38 13.06 -13.91
N THR A 233 11.68 13.30 -13.68
CA THR A 233 12.43 14.46 -14.25
C THR A 233 13.31 13.97 -15.40
N ARG B 1 9.22 1.89 -14.33
CA ARG B 1 8.24 1.47 -13.28
C ARG B 1 8.39 2.41 -12.08
N THR B 2 7.27 2.86 -11.50
CA THR B 2 7.32 3.69 -10.32
C THR B 2 7.22 2.78 -9.11
N SER B 3 7.73 3.22 -7.97
CA SER B 3 7.68 2.38 -6.80
C SER B 3 6.98 2.94 -5.62
N ALA B 5 5.91 1.77 -1.29
CA ALA B 5 6.50 1.13 -0.16
C ALA B 5 6.32 -0.37 -0.14
N PRO B 6 7.21 -1.05 0.57
CA PRO B 6 7.24 -2.48 0.81
C PRO B 6 6.26 -2.93 1.88
N PHE B 7 5.76 -1.97 2.63
CA PHE B 7 4.80 -2.17 3.66
C PHE B 7 3.82 -1.09 3.37
#